data_7EQZ
#
_entry.id   7EQZ
#
_cell.length_a   40.451
_cell.length_b   87.208
_cell.length_c   49.069
_cell.angle_alpha   90.000
_cell.angle_beta   107.698
_cell.angle_gamma   90.000
#
_symmetry.space_group_name_H-M   'P 1 21 1'
#
loop_
_entity.id
_entity.type
_entity.pdbx_description
1 polymer 'Carboxypeptidase B'
2 polymer 'Metallocarboxypeptidase inhibitor'
3 non-polymer 'ZINC ION'
4 non-polymer GLYCINE
5 water water
#
loop_
_entity_poly.entity_id
_entity_poly.type
_entity_poly.pdbx_seq_one_letter_code
_entity_poly.pdbx_strand_id
1 'polypeptide(L)'
;DVSTSYLRHNEINEYLQTLSQKYPSLVSVEEAGTSYEGRSIKTITINKKPGNAVVFLDAGIHAREWIAPATALYAIEQLV
EHSSENQEVLSNLTWVIMPVVNPDGYEFSHETDRFWRKTRKPTGKSCKGTDGNRNFDYHWGEVGASTQACADTFRGETAF
SEPETRAVRDAVMKLKGSCKFYLSLHSYGNYILYPWGWTSKLPETWEAIDEVAQAGAEAIKQSTGSRYTVGSSTNVLYAA
AGGSDDWAFAVAEVPISITMELPGGGNGGFNPPPSSIEKIVNESWVGIKAMALKVAQMF
;
A
2 'polypeptide(L)' HADPICNKPCKTHDDCSGAWFCQACWNSARTCGPYV I
#
# COMPACT_ATOMS: atom_id res chain seq x y z
N ASP A 1 -17.23 -12.51 -4.77
CA ASP A 1 -18.10 -11.50 -4.19
C ASP A 1 -17.46 -10.12 -4.28
N VAL A 2 -16.38 -9.90 -3.52
CA VAL A 2 -15.65 -8.64 -3.57
C VAL A 2 -14.57 -8.64 -4.65
N SER A 3 -14.37 -9.75 -5.34
CA SER A 3 -13.36 -9.87 -6.39
C SER A 3 -13.98 -9.94 -7.78
N THR A 4 -15.24 -9.56 -7.93
CA THR A 4 -15.89 -9.58 -9.23
C THR A 4 -15.86 -8.24 -9.94
N SER A 5 -15.61 -7.15 -9.21
CA SER A 5 -15.57 -5.82 -9.81
C SER A 5 -14.78 -4.90 -8.89
N TYR A 6 -14.42 -3.74 -9.43
CA TYR A 6 -13.73 -2.72 -8.65
C TYR A 6 -14.78 -1.88 -7.93
N LEU A 7 -14.78 -1.95 -6.60
CA LEU A 7 -15.79 -1.26 -5.81
C LEU A 7 -15.47 0.23 -5.69
N ARG A 8 -16.51 1.04 -5.76
CA ARG A 8 -16.38 2.46 -5.46
C ARG A 8 -16.19 2.65 -3.96
N HIS A 9 -15.72 3.84 -3.58
CA HIS A 9 -15.39 4.09 -2.18
C HIS A 9 -16.61 3.95 -1.29
N ASN A 10 -17.77 4.47 -1.73
CA ASN A 10 -18.97 4.30 -0.94
C ASN A 10 -19.33 2.83 -0.78
N GLU A 11 -19.24 2.05 -1.86
CA GLU A 11 -19.55 0.62 -1.78
C GLU A 11 -18.59 -0.09 -0.83
N ILE A 12 -17.33 0.34 -0.81
CA ILE A 12 -16.36 -0.25 0.10
C ILE A 12 -16.78 -0.01 1.55
N ASN A 13 -17.24 1.20 1.85
CA ASN A 13 -17.63 1.52 3.22
C ASN A 13 -18.90 0.77 3.64
N GLU A 14 -19.87 0.66 2.73
CA GLU A 14 -21.07 -0.11 3.07
C GLU A 14 -20.74 -1.58 3.31
N TYR A 15 -19.79 -2.13 2.55
CA TYR A 15 -19.36 -3.50 2.78
C TYR A 15 -18.74 -3.65 4.17
N LEU A 16 -17.92 -2.68 4.58
CA LEU A 16 -17.34 -2.74 5.93
C LEU A 16 -18.43 -2.65 6.99
N GLN A 17 -19.39 -1.74 6.80
CA GLN A 17 -20.46 -1.60 7.78
C GLN A 17 -21.33 -2.84 7.85
N THR A 18 -21.56 -3.49 6.70
CA THR A 18 -22.32 -4.73 6.70
C THR A 18 -21.60 -5.82 7.50
N LEU A 19 -20.27 -5.90 7.37
CA LEU A 19 -19.50 -6.86 8.16
C LEU A 19 -19.58 -6.53 9.65
N SER A 20 -19.61 -5.24 9.99
CA SER A 20 -19.78 -4.85 11.38
C SER A 20 -21.14 -5.30 11.91
N GLN A 21 -22.18 -5.19 11.08
CA GLN A 21 -23.50 -5.67 11.48
C GLN A 21 -23.52 -7.19 11.60
N LYS A 22 -22.83 -7.89 10.71
CA LYS A 22 -22.94 -9.34 10.63
C LYS A 22 -22.02 -10.09 11.58
N TYR A 23 -20.85 -9.52 11.89
CA TYR A 23 -19.88 -10.18 12.77
C TYR A 23 -19.42 -9.22 13.87
N PRO A 24 -20.33 -8.80 14.75
CA PRO A 24 -19.95 -7.81 15.77
C PRO A 24 -18.97 -8.35 16.81
N SER A 25 -18.99 -9.65 17.09
CA SER A 25 -18.08 -10.22 18.07
C SER A 25 -16.67 -10.45 17.51
N LEU A 26 -16.49 -10.36 16.19
CA LEU A 26 -15.20 -10.55 15.57
C LEU A 26 -14.58 -9.26 15.02
N VAL A 27 -15.40 -8.33 14.50
CA VAL A 27 -14.89 -7.16 13.82
C VAL A 27 -15.46 -5.90 14.45
N SER A 28 -14.73 -4.80 14.25
CA SER A 28 -15.18 -3.46 14.62
C SER A 28 -14.76 -2.51 13.52
N VAL A 29 -15.72 -1.76 12.98
CA VAL A 29 -15.46 -0.82 11.90
C VAL A 29 -15.42 0.58 12.48
N GLU A 30 -14.31 1.27 12.30
CA GLU A 30 -14.08 2.57 12.92
C GLU A 30 -13.58 3.56 11.87
N GLU A 31 -13.85 4.84 12.12
CA GLU A 31 -13.43 5.91 11.24
C GLU A 31 -12.08 6.44 11.71
N ALA A 32 -11.06 6.32 10.87
CA ALA A 32 -9.73 6.78 11.22
C ALA A 32 -9.49 8.25 10.88
N GLY A 33 -10.35 8.84 10.06
CA GLY A 33 -10.17 10.23 9.68
C GLY A 33 -11.11 10.60 8.56
N THR A 34 -11.00 11.86 8.14
CA THR A 34 -11.82 12.41 7.07
C THR A 34 -10.92 12.92 5.97
N SER A 35 -11.21 12.55 4.73
CA SER A 35 -10.43 13.01 3.59
C SER A 35 -10.62 14.51 3.40
N TYR A 36 -9.82 15.09 2.51
CA TYR A 36 -9.89 16.52 2.27
C TYR A 36 -11.27 16.94 1.77
N GLU A 37 -11.86 16.14 0.87
CA GLU A 37 -13.15 16.46 0.30
C GLU A 37 -14.32 16.01 1.18
N GLY A 38 -14.05 15.39 2.32
CA GLY A 38 -15.10 15.03 3.25
C GLY A 38 -15.51 13.58 3.27
N ARG A 39 -14.72 12.67 2.72
CA ARG A 39 -15.06 11.27 2.70
C ARG A 39 -14.51 10.57 3.94
N SER A 40 -15.29 9.63 4.47
CA SER A 40 -14.92 8.91 5.68
C SER A 40 -13.87 7.86 5.35
N ILE A 41 -12.69 7.99 5.96
CA ILE A 41 -11.62 7.01 5.80
C ILE A 41 -11.77 5.99 6.93
N LYS A 42 -12.20 4.78 6.58
CA LYS A 42 -12.58 3.77 7.55
C LYS A 42 -11.55 2.66 7.64
N THR A 43 -11.50 2.03 8.81
CA THR A 43 -10.71 0.82 9.04
C THR A 43 -11.61 -0.24 9.65
N ILE A 44 -11.22 -1.50 9.48
CA ILE A 44 -11.89 -2.62 10.12
C ILE A 44 -10.88 -3.35 10.99
N THR A 45 -11.22 -3.55 12.26
CA THR A 45 -10.38 -4.26 13.21
C THR A 45 -10.91 -5.68 13.36
N ILE A 46 -10.04 -6.67 13.14
CA ILE A 46 -10.43 -8.06 13.12
C ILE A 46 -9.72 -8.80 14.25
N ASN A 47 -10.49 -9.52 15.05
CA ASN A 47 -9.97 -10.34 16.15
C ASN A 47 -9.20 -9.48 17.16
N LYS A 48 -9.90 -8.50 17.72
CA LYS A 48 -9.31 -7.66 18.75
C LYS A 48 -9.23 -8.46 20.05
N LYS A 49 -8.01 -8.79 20.48
CA LYS A 49 -7.78 -9.48 21.72
C LYS A 49 -6.68 -8.78 22.49
N PRO A 50 -6.85 -8.58 23.80
CA PRO A 50 -5.83 -7.87 24.57
C PRO A 50 -4.51 -8.62 24.59
N GLY A 51 -3.43 -7.88 24.38
CA GLY A 51 -2.10 -8.45 24.33
C GLY A 51 -1.70 -9.06 23.00
N ASN A 52 -2.54 -8.96 21.98
CA ASN A 52 -2.23 -9.53 20.68
C ASN A 52 -1.24 -8.65 19.92
N ALA A 53 -0.48 -9.27 19.03
CA ALA A 53 0.27 -8.52 18.05
C ALA A 53 -0.68 -8.00 16.97
N VAL A 54 -0.42 -6.78 16.49
CA VAL A 54 -1.31 -6.09 15.58
C VAL A 54 -0.65 -5.97 14.22
N VAL A 55 -1.38 -6.37 13.18
CA VAL A 55 -0.96 -6.16 11.79
C VAL A 55 -1.78 -5.01 11.23
N PHE A 56 -1.12 -3.97 10.77
CA PHE A 56 -1.78 -2.83 10.14
C PHE A 56 -1.56 -2.92 8.63
N LEU A 57 -2.66 -2.99 7.89
CA LEU A 57 -2.61 -3.10 6.44
C LEU A 57 -3.41 -1.95 5.83
N ASP A 58 -2.78 -1.21 4.92
CA ASP A 58 -3.47 -0.16 4.19
C ASP A 58 -3.26 -0.36 2.70
N ALA A 59 -4.09 0.30 1.91
CA ALA A 59 -4.01 0.22 0.46
C ALA A 59 -4.67 1.46 -0.15
N GLY A 60 -4.36 1.69 -1.41
CA GLY A 60 -5.00 2.77 -2.14
C GLY A 60 -4.55 4.17 -1.76
N ILE A 61 -3.32 4.31 -1.28
CA ILE A 61 -2.77 5.65 -1.07
C ILE A 61 -2.58 6.35 -2.41
N HIS A 62 -2.38 5.58 -3.48
CA HIS A 62 -2.30 6.11 -4.83
C HIS A 62 -3.55 5.72 -5.59
N ALA A 63 -4.16 6.69 -6.28
CA ALA A 63 -5.52 6.54 -6.77
C ALA A 63 -5.64 5.43 -7.81
N ARG A 64 -4.73 5.41 -8.78
CA ARG A 64 -4.88 4.51 -9.93
C ARG A 64 -4.58 3.06 -9.60
N GLU A 65 -4.07 2.76 -8.40
CA GLU A 65 -3.65 1.41 -8.06
C GLU A 65 -4.85 0.63 -7.50
N TRP A 66 -5.77 0.32 -8.41
CA TRP A 66 -7.06 -0.23 -8.02
C TRP A 66 -6.95 -1.63 -7.41
N ILE A 67 -5.93 -2.40 -7.81
CA ILE A 67 -5.82 -3.76 -7.32
C ILE A 67 -5.39 -3.81 -5.87
N ALA A 68 -4.84 -2.71 -5.32
CA ALA A 68 -4.44 -2.72 -3.92
C ALA A 68 -5.64 -2.72 -2.99
N PRO A 69 -6.62 -1.80 -3.11
CA PRO A 69 -7.83 -1.95 -2.28
C PRO A 69 -8.58 -3.24 -2.55
N ALA A 70 -8.57 -3.73 -3.79
CA ALA A 70 -9.23 -5.00 -4.08
C ALA A 70 -8.59 -6.14 -3.31
N THR A 71 -7.25 -6.17 -3.24
CA THR A 71 -6.57 -7.17 -2.45
C THR A 71 -6.86 -7.01 -0.97
N ALA A 72 -6.87 -5.76 -0.48
CA ALA A 72 -7.20 -5.52 0.92
C ALA A 72 -8.61 -5.98 1.26
N LEU A 73 -9.56 -5.71 0.36
CA LEU A 73 -10.93 -6.18 0.57
C LEU A 73 -11.00 -7.70 0.56
N TYR A 74 -10.26 -8.33 -0.34
CA TYR A 74 -10.22 -9.79 -0.37
C TYR A 74 -9.62 -10.36 0.91
N ALA A 75 -8.59 -9.70 1.45
CA ALA A 75 -8.03 -10.13 2.73
C ALA A 75 -9.06 -9.99 3.85
N ILE A 76 -9.84 -8.91 3.82
CA ILE A 76 -10.92 -8.74 4.80
C ILE A 76 -11.95 -9.85 4.66
N GLU A 77 -12.34 -10.17 3.42
CA GLU A 77 -13.36 -11.19 3.19
C GLU A 77 -12.90 -12.55 3.69
N GLN A 78 -11.64 -12.91 3.41
CA GLN A 78 -11.12 -14.19 3.86
C GLN A 78 -11.04 -14.26 5.39
N LEU A 79 -10.58 -13.19 6.03
CA LEU A 79 -10.39 -13.21 7.47
C LEU A 79 -11.72 -13.14 8.22
N VAL A 80 -12.70 -12.43 7.68
CA VAL A 80 -13.97 -12.22 8.38
C VAL A 80 -15.00 -13.27 7.99
N GLU A 81 -15.27 -13.41 6.69
CA GLU A 81 -16.31 -14.33 6.23
C GLU A 81 -15.83 -15.77 6.12
N HIS A 82 -14.53 -16.01 6.27
CA HIS A 82 -13.97 -17.37 6.21
C HIS A 82 -12.94 -17.54 7.33
N SER A 83 -13.29 -17.09 8.53
CA SER A 83 -12.36 -17.10 9.64
C SER A 83 -11.94 -18.52 10.02
N SER A 84 -12.81 -19.51 9.78
CA SER A 84 -12.47 -20.89 10.12
C SER A 84 -11.31 -21.43 9.28
N GLU A 85 -11.05 -20.84 8.11
CA GLU A 85 -9.96 -21.25 7.25
C GLU A 85 -8.68 -20.45 7.50
N ASN A 86 -8.69 -19.52 8.45
CA ASN A 86 -7.54 -18.64 8.69
C ASN A 86 -7.28 -18.51 10.18
N GLN A 87 -7.47 -19.60 10.93
CA GLN A 87 -7.25 -19.56 12.38
C GLN A 87 -5.79 -19.34 12.73
N GLU A 88 -4.87 -19.74 11.87
CA GLU A 88 -3.44 -19.57 12.15
C GLU A 88 -3.05 -18.11 12.23
N VAL A 89 -3.74 -17.24 11.50
CA VAL A 89 -3.49 -15.81 11.55
C VAL A 89 -4.58 -15.08 12.34
N LEU A 90 -5.34 -15.80 13.17
CA LEU A 90 -6.42 -15.21 13.94
C LEU A 90 -6.40 -15.71 15.39
N SER A 91 -5.21 -16.02 15.90
CA SER A 91 -5.07 -16.47 17.29
C SER A 91 -4.35 -15.43 18.15
N ASN A 92 -3.13 -15.06 17.78
CA ASN A 92 -2.38 -14.02 18.48
C ASN A 92 -2.21 -12.78 17.61
N LEU A 93 -2.86 -12.72 16.46
CA LEU A 93 -2.77 -11.60 15.54
C LEU A 93 -4.07 -10.83 15.54
N THR A 94 -3.97 -9.51 15.62
CA THR A 94 -5.11 -8.61 15.44
C THR A 94 -4.87 -7.80 14.17
N TRP A 95 -5.87 -7.75 13.30
CA TRP A 95 -5.75 -7.05 12.03
C TRP A 95 -6.47 -5.71 12.09
N VAL A 96 -5.79 -4.66 11.63
CA VAL A 96 -6.41 -3.36 11.39
C VAL A 96 -6.15 -3.03 9.93
N ILE A 97 -7.21 -3.03 9.12
CA ILE A 97 -7.09 -2.93 7.68
C ILE A 97 -7.78 -1.66 7.21
N MET A 98 -7.05 -0.84 6.45
CA MET A 98 -7.55 0.40 5.86
C MET A 98 -7.59 0.20 4.35
N PRO A 99 -8.70 -0.28 3.79
CA PRO A 99 -8.71 -0.65 2.36
C PRO A 99 -8.41 0.51 1.42
N VAL A 100 -8.80 1.72 1.75
CA VAL A 100 -8.55 2.89 0.90
C VAL A 100 -7.97 4.00 1.76
N VAL A 101 -6.76 4.44 1.42
CA VAL A 101 -6.15 5.57 2.13
C VAL A 101 -6.54 6.91 1.50
N ASN A 102 -6.73 6.94 0.18
CA ASN A 102 -6.94 8.18 -0.57
C ASN A 102 -8.26 8.08 -1.35
N PRO A 103 -9.40 8.15 -0.65
CA PRO A 103 -10.68 8.04 -1.35
C PRO A 103 -10.96 9.14 -2.35
N ASP A 104 -10.48 10.37 -2.09
CA ASP A 104 -10.74 11.46 -3.03
C ASP A 104 -10.09 11.19 -4.38
N GLY A 105 -8.81 10.81 -4.37
CA GLY A 105 -8.16 10.44 -5.62
C GLY A 105 -8.77 9.19 -6.23
N TYR A 106 -9.08 8.19 -5.39
CA TYR A 106 -9.64 6.94 -5.89
C TYR A 106 -10.96 7.17 -6.61
N GLU A 107 -11.84 7.99 -6.02
CA GLU A 107 -13.09 8.33 -6.68
C GLU A 107 -12.82 9.17 -7.93
N PHE A 108 -11.83 10.06 -7.87
CA PHE A 108 -11.47 10.84 -9.04
C PHE A 108 -10.97 9.94 -10.17
N SER A 109 -10.22 8.89 -9.82
CA SER A 109 -9.74 7.97 -10.84
C SER A 109 -10.89 7.21 -11.49
N HIS A 110 -11.92 6.86 -10.72
CA HIS A 110 -13.06 6.16 -11.28
C HIS A 110 -13.87 7.06 -12.21
N GLU A 111 -13.97 8.35 -11.88
CA GLU A 111 -14.90 9.25 -12.56
C GLU A 111 -14.25 10.10 -13.64
N THR A 112 -13.04 10.63 -13.40
CA THR A 112 -12.46 11.65 -14.27
C THR A 112 -11.17 11.22 -14.94
N ASP A 113 -10.21 10.70 -14.19
CA ASP A 113 -8.86 10.44 -14.71
C ASP A 113 -8.38 9.10 -14.16
N ARG A 114 -8.44 8.06 -15.00
CA ARG A 114 -8.15 6.71 -14.56
C ARG A 114 -6.75 6.58 -13.97
N PHE A 115 -5.80 7.38 -14.45
CA PHE A 115 -4.40 7.27 -14.04
C PHE A 115 -3.96 8.41 -13.12
N TRP A 116 -4.90 8.97 -12.37
CA TRP A 116 -4.56 9.89 -11.30
C TRP A 116 -3.86 9.12 -10.17
N ARG A 117 -2.92 9.79 -9.52
CA ARG A 117 -2.11 9.14 -8.48
C ARG A 117 -2.21 9.80 -7.12
N LYS A 118 -2.16 11.13 -7.06
CA LYS A 118 -2.00 11.84 -5.79
C LYS A 118 -3.36 12.02 -5.11
N THR A 119 -3.38 12.85 -4.07
CA THR A 119 -4.63 13.24 -3.42
C THR A 119 -5.30 14.32 -4.29
N ARG A 120 -6.32 14.98 -3.74
CA ARG A 120 -7.06 15.99 -4.49
C ARG A 120 -7.02 17.36 -3.83
N LYS A 121 -6.24 17.53 -2.77
CA LYS A 121 -6.16 18.83 -2.09
C LYS A 121 -5.36 19.81 -2.93
N PRO A 122 -5.87 21.02 -3.18
CA PRO A 122 -5.10 22.01 -3.95
C PRO A 122 -3.79 22.34 -3.27
N THR A 123 -2.78 22.63 -4.10
CA THR A 123 -1.41 22.84 -3.65
C THR A 123 -0.98 24.30 -3.70
N GLY A 124 -1.94 25.23 -3.80
CA GLY A 124 -1.58 26.62 -3.99
C GLY A 124 -1.57 27.02 -5.46
N LYS A 125 -2.70 26.80 -6.13
CA LYS A 125 -2.96 27.24 -7.49
C LYS A 125 -2.26 26.39 -8.55
N SER A 126 -2.91 26.24 -9.70
CA SER A 126 -2.35 25.69 -10.93
C SER A 126 -2.17 24.18 -10.92
N CYS A 127 -2.36 23.53 -9.77
CA CYS A 127 -2.17 22.08 -9.70
C CYS A 127 -2.77 21.54 -8.41
N LYS A 128 -3.32 20.34 -8.49
CA LYS A 128 -3.94 19.66 -7.37
C LYS A 128 -3.19 18.37 -7.06
N GLY A 129 -3.12 18.03 -5.78
CA GLY A 129 -2.67 16.70 -5.42
C GLY A 129 -1.30 16.66 -4.78
N THR A 130 -1.16 15.80 -3.77
CA THR A 130 0.10 15.53 -3.10
C THR A 130 0.33 14.02 -3.08
N ASP A 131 1.56 13.60 -3.38
CA ASP A 131 1.90 12.19 -3.29
C ASP A 131 1.86 11.76 -1.82
N GLY A 132 0.87 10.94 -1.48
CA GLY A 132 0.73 10.52 -0.09
C GLY A 132 1.93 9.73 0.41
N ASN A 133 2.54 8.94 -0.45
CA ASN A 133 3.71 8.15 -0.07
C ASN A 133 5.01 8.96 -0.14
N ARG A 134 4.91 10.29 -0.21
CA ARG A 134 6.03 11.18 0.04
C ARG A 134 5.71 12.20 1.12
N ASN A 135 4.64 11.97 1.88
CA ASN A 135 4.09 12.95 2.80
C ASN A 135 4.31 12.59 4.27
N PHE A 136 5.06 11.53 4.55
CA PHE A 136 5.27 11.10 5.92
C PHE A 136 6.55 11.73 6.48
N ASP A 137 6.52 12.01 7.79
CA ASP A 137 7.54 12.84 8.44
C ASP A 137 8.70 11.97 8.95
N TYR A 138 9.44 11.40 7.99
CA TYR A 138 10.72 10.80 8.28
C TYR A 138 11.58 10.92 7.02
N HIS A 139 12.64 11.72 7.10
CA HIS A 139 13.43 12.10 5.93
C HIS A 139 12.52 12.66 4.84
N TRP A 140 11.55 13.46 5.27
CA TRP A 140 10.56 14.02 4.36
C TRP A 140 11.20 15.01 3.39
N GLY A 141 10.73 14.97 2.13
CA GLY A 141 11.20 15.90 1.13
C GLY A 141 12.57 15.61 0.55
N GLU A 142 13.13 14.45 0.82
CA GLU A 142 14.48 14.10 0.38
C GLU A 142 14.40 13.37 -0.97
N VAL A 143 15.49 12.70 -1.35
CA VAL A 143 15.60 12.09 -2.68
C VAL A 143 14.40 11.22 -2.99
N GLY A 144 13.92 11.31 -4.22
CA GLY A 144 12.72 10.61 -4.64
C GLY A 144 11.44 11.38 -4.44
N ALA A 145 11.49 12.53 -3.78
CA ALA A 145 10.35 13.41 -3.61
C ALA A 145 10.61 14.72 -4.33
N SER A 146 9.57 15.28 -4.92
CA SER A 146 9.67 16.49 -5.71
C SER A 146 9.12 17.69 -4.95
N THR A 147 9.78 18.83 -5.12
CA THR A 147 9.28 20.08 -4.56
C THR A 147 8.27 20.77 -5.47
N GLN A 148 8.06 20.25 -6.68
CA GLN A 148 7.14 20.85 -7.64
C GLN A 148 5.73 20.32 -7.42
N ALA A 149 4.77 21.24 -7.29
CA ALA A 149 3.41 20.85 -6.93
C ALA A 149 2.76 20.00 -8.02
N CYS A 150 3.20 20.14 -9.27
CA CYS A 150 2.60 19.42 -10.39
C CYS A 150 3.21 18.05 -10.63
N ALA A 151 4.26 17.68 -9.91
CA ALA A 151 4.92 16.41 -10.13
C ALA A 151 4.13 15.26 -9.52
N ASP A 152 4.36 14.06 -10.06
CA ASP A 152 3.71 12.87 -9.52
C ASP A 152 4.14 12.59 -8.10
N THR A 153 5.35 12.99 -7.73
CA THR A 153 5.93 12.71 -6.42
C THR A 153 6.03 13.95 -5.55
N PHE A 154 5.07 14.87 -5.68
CA PHE A 154 5.10 16.09 -4.88
C PHE A 154 5.03 15.76 -3.40
N ARG A 155 6.02 16.26 -2.65
CA ARG A 155 6.12 15.94 -1.22
C ARG A 155 5.02 16.59 -0.40
N GLY A 156 4.33 17.58 -0.94
CA GLY A 156 3.35 18.34 -0.19
C GLY A 156 3.93 19.63 0.36
N GLU A 157 3.01 20.49 0.82
CA GLU A 157 3.43 21.78 1.37
C GLU A 157 4.29 21.58 2.61
N THR A 158 3.89 20.67 3.51
CA THR A 158 4.68 20.29 4.66
C THR A 158 4.57 18.78 4.83
N ALA A 159 5.30 18.23 5.80
CA ALA A 159 5.12 16.85 6.17
C ALA A 159 3.75 16.67 6.80
N PHE A 160 3.07 15.57 6.45
CA PHE A 160 1.73 15.27 6.92
C PHE A 160 0.74 16.39 6.58
N SER A 161 0.93 17.04 5.43
CA SER A 161 0.01 18.07 5.00
C SER A 161 -1.36 17.51 4.61
N GLU A 162 -1.42 16.24 4.21
CA GLU A 162 -2.64 15.60 3.76
C GLU A 162 -3.37 14.95 4.93
N PRO A 163 -4.67 15.19 5.10
CA PRO A 163 -5.41 14.49 6.16
C PRO A 163 -5.42 12.98 5.97
N GLU A 164 -5.26 12.51 4.73
CA GLU A 164 -5.23 11.07 4.48
C GLU A 164 -4.01 10.42 5.15
N THR A 165 -2.84 11.06 5.05
CA THR A 165 -1.66 10.52 5.70
C THR A 165 -1.70 10.73 7.21
N ARG A 166 -2.35 11.80 7.67
CA ARG A 166 -2.54 12.00 9.10
C ARG A 166 -3.44 10.92 9.68
N ALA A 167 -4.44 10.47 8.92
CA ALA A 167 -5.28 9.36 9.37
C ALA A 167 -4.46 8.08 9.53
N VAL A 168 -3.58 7.80 8.57
CA VAL A 168 -2.68 6.65 8.70
C VAL A 168 -1.75 6.85 9.91
N ARG A 169 -1.23 8.06 10.07
CA ARG A 169 -0.32 8.34 11.18
C ARG A 169 -1.01 8.12 12.53
N ASP A 170 -2.22 8.65 12.68
CA ASP A 170 -2.92 8.54 13.95
C ASP A 170 -3.34 7.11 14.25
N ALA A 171 -3.78 6.38 13.24
CA ALA A 171 -4.19 4.98 13.45
C ALA A 171 -3.01 4.12 13.87
N VAL A 172 -1.85 4.29 13.22
CA VAL A 172 -0.67 3.51 13.58
C VAL A 172 -0.13 3.96 14.94
N MET A 173 -0.13 5.28 15.20
CA MET A 173 0.33 5.79 16.48
C MET A 173 -0.52 5.26 17.63
N LYS A 174 -1.83 5.14 17.41
CA LYS A 174 -2.71 4.57 18.44
C LYS A 174 -2.37 3.11 18.73
N LEU A 175 -1.70 2.42 17.80
CA LEU A 175 -1.30 1.03 17.99
C LEU A 175 0.20 0.91 18.31
N LYS A 176 0.85 2.00 18.68
CA LYS A 176 2.28 1.97 18.93
C LYS A 176 2.61 0.97 20.04
N GLY A 177 3.62 0.16 19.79
CA GLY A 177 3.98 -0.92 20.70
C GLY A 177 3.31 -2.24 20.35
N SER A 178 2.00 -2.21 20.08
CA SER A 178 1.29 -3.42 19.72
C SER A 178 1.43 -3.76 18.25
N CYS A 179 1.61 -2.76 17.39
CA CYS A 179 1.72 -2.99 15.96
C CYS A 179 3.10 -3.55 15.63
N LYS A 180 3.14 -4.81 15.18
CA LYS A 180 4.39 -5.47 14.86
C LYS A 180 4.61 -5.64 13.35
N PHE A 181 3.57 -5.45 12.54
CA PHE A 181 3.66 -5.64 11.09
C PHE A 181 2.88 -4.51 10.42
N TYR A 182 3.59 -3.64 9.71
CA TYR A 182 2.97 -2.64 8.87
C TYR A 182 3.11 -3.08 7.41
N LEU A 183 1.98 -3.19 6.71
CA LEU A 183 1.95 -3.63 5.33
C LEU A 183 1.19 -2.60 4.51
N SER A 184 1.84 -2.05 3.49
CA SER A 184 1.22 -1.08 2.59
C SER A 184 1.14 -1.69 1.20
N LEU A 185 -0.08 -1.79 0.68
CA LEU A 185 -0.32 -2.44 -0.61
C LEU A 185 -0.27 -1.41 -1.73
N HIS A 186 0.50 -1.70 -2.77
CA HIS A 186 0.66 -0.84 -3.93
C HIS A 186 0.56 -1.69 -5.20
N SER A 187 0.59 -1.00 -6.34
CA SER A 187 0.68 -1.64 -7.64
C SER A 187 1.39 -0.68 -8.58
N TYR A 188 2.18 -1.21 -9.51
CA TYR A 188 2.42 -2.64 -9.69
C TYR A 188 3.91 -2.93 -9.69
N GLY A 189 4.28 -4.18 -9.97
CA GLY A 189 5.69 -4.49 -10.15
C GLY A 189 6.16 -5.84 -9.64
N ASN A 190 5.33 -6.53 -8.84
CA ASN A 190 5.68 -7.80 -8.22
C ASN A 190 6.91 -7.66 -7.33
N TYR A 191 6.79 -6.79 -6.33
CA TYR A 191 7.87 -6.53 -5.39
C TYR A 191 7.36 -6.60 -3.96
N ILE A 192 8.23 -7.05 -3.06
CA ILE A 192 8.03 -6.96 -1.62
C ILE A 192 9.20 -6.18 -1.06
N LEU A 193 8.96 -4.95 -0.62
CA LEU A 193 10.01 -4.00 -0.31
C LEU A 193 9.97 -3.60 1.17
N TYR A 194 11.08 -3.06 1.64
CA TYR A 194 11.20 -2.59 3.02
C TYR A 194 12.13 -1.40 3.04
N PRO A 195 12.19 -0.67 4.15
CA PRO A 195 13.13 0.46 4.26
C PRO A 195 14.55 0.07 3.89
N TRP A 196 15.35 1.05 3.46
CA TRP A 196 14.98 2.46 3.45
C TRP A 196 14.58 2.98 2.07
N GLY A 197 13.80 4.06 2.05
CA GLY A 197 13.45 4.73 0.82
C GLY A 197 14.21 6.02 0.57
N TRP A 198 15.02 6.43 1.56
CA TRP A 198 15.82 7.64 1.46
C TRP A 198 17.29 7.36 1.25
N THR A 199 17.71 6.10 1.28
CA THR A 199 19.11 5.74 1.05
C THR A 199 19.17 4.30 0.59
N SER A 200 20.26 3.97 -0.09
CA SER A 200 20.50 2.59 -0.51
C SER A 200 21.07 1.73 0.62
N LYS A 201 21.44 2.34 1.74
CA LYS A 201 21.94 1.58 2.88
C LYS A 201 20.80 0.87 3.60
N LEU A 202 21.08 -0.36 4.05
CA LEU A 202 20.06 -1.19 4.67
C LEU A 202 19.94 -0.88 6.17
N PRO A 203 18.74 -1.04 6.72
CA PRO A 203 18.58 -0.86 8.17
C PRO A 203 19.30 -1.95 8.94
N GLU A 204 19.52 -1.68 10.24
CA GLU A 204 20.25 -2.62 11.09
C GLU A 204 19.54 -3.96 11.18
N THR A 205 18.21 -3.94 11.27
CA THR A 205 17.41 -5.16 11.36
C THR A 205 16.79 -5.56 10.02
N TRP A 206 17.50 -5.32 8.92
CA TRP A 206 16.95 -5.61 7.60
C TRP A 206 16.71 -7.10 7.41
N GLU A 207 17.53 -7.95 8.04
CA GLU A 207 17.39 -9.39 7.87
C GLU A 207 16.05 -9.88 8.41
N ALA A 208 15.61 -9.33 9.54
CA ALA A 208 14.32 -9.75 10.10
C ALA A 208 13.17 -9.42 9.17
N ILE A 209 13.17 -8.21 8.60
CA ILE A 209 12.13 -7.84 7.65
C ILE A 209 12.28 -8.64 6.36
N ASP A 210 13.54 -8.89 5.94
CA ASP A 210 13.78 -9.68 4.74
C ASP A 210 13.21 -11.09 4.88
N GLU A 211 13.37 -11.70 6.05
CA GLU A 211 12.86 -13.05 6.26
C GLU A 211 11.34 -13.09 6.12
N VAL A 212 10.64 -12.07 6.63
CA VAL A 212 9.21 -11.99 6.45
C VAL A 212 8.86 -11.84 4.98
N ALA A 213 9.59 -10.98 4.28
CA ALA A 213 9.34 -10.78 2.85
C ALA A 213 9.64 -12.05 2.06
N GLN A 214 10.71 -12.77 2.42
CA GLN A 214 11.02 -14.02 1.75
C GLN A 214 9.89 -15.03 1.90
N ALA A 215 9.28 -15.08 3.09
CA ALA A 215 8.19 -16.03 3.32
C ALA A 215 7.01 -15.75 2.39
N GLY A 216 6.67 -14.47 2.20
CA GLY A 216 5.58 -14.14 1.30
C GLY A 216 5.89 -14.50 -0.14
N ALA A 217 7.10 -14.17 -0.60
CA ALA A 217 7.50 -14.51 -1.97
C ALA A 217 7.57 -16.02 -2.15
N GLU A 218 8.11 -16.74 -1.16
CA GLU A 218 8.22 -18.20 -1.27
C GLU A 218 6.85 -18.86 -1.32
N ALA A 219 5.90 -18.39 -0.50
CA ALA A 219 4.57 -18.98 -0.50
C ALA A 219 3.87 -18.78 -1.84
N ILE A 220 4.01 -17.59 -2.43
CA ILE A 220 3.42 -17.34 -3.74
C ILE A 220 4.09 -18.22 -4.79
N LYS A 221 5.41 -18.38 -4.71
CA LYS A 221 6.12 -19.25 -5.65
C LYS A 221 5.65 -20.69 -5.53
N GLN A 222 5.40 -21.16 -4.31
CA GLN A 222 4.91 -22.51 -4.13
C GLN A 222 3.47 -22.65 -4.60
N SER A 223 2.66 -21.60 -4.47
CA SER A 223 1.24 -21.69 -4.79
C SER A 223 0.97 -21.50 -6.27
N THR A 224 1.42 -20.37 -6.83
CA THR A 224 1.17 -20.06 -8.24
C THR A 224 2.43 -20.05 -9.10
N GLY A 225 3.61 -19.93 -8.49
CA GLY A 225 4.84 -19.87 -9.24
C GLY A 225 5.30 -18.47 -9.60
N SER A 226 4.47 -17.45 -9.38
CA SER A 226 4.85 -16.08 -9.71
C SER A 226 6.03 -15.63 -8.86
N ARG A 227 6.87 -14.78 -9.45
CA ARG A 227 8.08 -14.31 -8.80
C ARG A 227 7.86 -12.93 -8.21
N TYR A 228 8.30 -12.76 -6.96
CA TYR A 228 8.35 -11.47 -6.30
C TYR A 228 9.80 -11.18 -5.94
N THR A 229 10.30 -10.02 -6.33
CA THR A 229 11.65 -9.60 -5.98
C THR A 229 11.64 -8.94 -4.62
N VAL A 230 12.60 -9.33 -3.77
CA VAL A 230 12.65 -8.91 -2.37
C VAL A 230 13.90 -8.07 -2.16
N GLY A 231 13.73 -6.94 -1.47
CA GLY A 231 14.85 -6.09 -1.13
C GLY A 231 14.35 -4.75 -0.65
N SER A 232 15.31 -3.88 -0.35
CA SER A 232 14.97 -2.52 0.06
C SER A 232 14.38 -1.75 -1.12
N SER A 233 13.47 -0.82 -0.81
CA SER A 233 12.74 -0.12 -1.85
C SER A 233 13.67 0.70 -2.73
N THR A 234 14.66 1.38 -2.13
CA THR A 234 15.61 2.16 -2.91
C THR A 234 16.43 1.28 -3.84
N ASN A 235 16.91 0.14 -3.33
CA ASN A 235 17.78 -0.72 -4.12
C ASN A 235 17.02 -1.49 -5.20
N VAL A 236 15.78 -1.88 -4.93
CA VAL A 236 15.03 -2.70 -5.88
C VAL A 236 14.21 -1.85 -6.84
N LEU A 237 13.56 -0.78 -6.37
CA LEU A 237 12.66 -0.02 -7.22
C LEU A 237 13.16 1.39 -7.50
N TYR A 238 13.28 2.24 -6.49
CA TYR A 238 13.85 3.58 -6.61
C TYR A 238 13.78 4.27 -5.25
N ALA A 239 14.46 5.40 -5.14
CA ALA A 239 14.43 6.20 -3.92
C ALA A 239 13.06 6.85 -3.77
N ALA A 240 12.47 6.71 -2.58
CA ALA A 240 11.10 7.14 -2.32
C ALA A 240 10.98 7.77 -0.94
N ALA A 241 11.87 8.70 -0.61
CA ALA A 241 11.91 9.28 0.73
C ALA A 241 10.58 9.91 1.10
N GLY A 242 10.20 9.76 2.37
CA GLY A 242 8.90 10.20 2.84
C GLY A 242 7.82 9.14 2.79
N GLY A 243 8.17 7.88 2.54
CA GLY A 243 7.18 6.84 2.45
C GLY A 243 6.64 6.42 3.80
N SER A 244 5.47 5.77 3.75
CA SER A 244 4.80 5.35 4.97
C SER A 244 5.54 4.21 5.66
N ASP A 245 6.17 3.31 4.89
CA ASP A 245 6.88 2.19 5.51
C ASP A 245 8.10 2.66 6.29
N ASP A 246 8.84 3.63 5.76
CA ASP A 246 9.96 4.20 6.49
C ASP A 246 9.50 4.86 7.78
N TRP A 247 8.41 5.62 7.72
CA TRP A 247 7.91 6.31 8.90
C TRP A 247 7.42 5.34 9.96
N ALA A 248 6.69 4.30 9.56
CA ALA A 248 6.19 3.33 10.52
C ALA A 248 7.34 2.56 11.17
N PHE A 249 8.35 2.22 10.38
CA PHE A 249 9.50 1.49 10.91
C PHE A 249 10.29 2.32 11.91
N ALA A 250 10.54 3.59 11.58
CA ALA A 250 11.46 4.41 12.37
C ALA A 250 10.76 5.24 13.43
N VAL A 251 9.63 5.85 13.10
CA VAL A 251 8.92 6.72 14.05
C VAL A 251 7.93 5.92 14.89
N ALA A 252 7.10 5.11 14.26
CA ALA A 252 6.17 4.27 15.00
C ALA A 252 6.82 3.01 15.57
N GLU A 253 8.08 2.75 15.21
CA GLU A 253 8.85 1.62 15.74
C GLU A 253 8.15 0.30 15.48
N VAL A 254 7.55 0.16 14.30
CA VAL A 254 7.01 -1.12 13.85
C VAL A 254 8.19 -1.95 13.33
N PRO A 255 8.49 -3.09 13.95
CA PRO A 255 9.69 -3.84 13.54
C PRO A 255 9.65 -4.34 12.10
N ILE A 256 8.49 -4.80 11.64
CA ILE A 256 8.34 -5.33 10.29
C ILE A 256 7.48 -4.35 9.51
N SER A 257 8.11 -3.61 8.59
CA SER A 257 7.43 -2.64 7.76
C SER A 257 7.73 -2.97 6.30
N ILE A 258 6.69 -3.19 5.51
CA ILE A 258 6.84 -3.70 4.16
C ILE A 258 5.90 -2.95 3.22
N THR A 259 6.41 -2.58 2.05
CA THR A 259 5.60 -2.10 0.93
C THR A 259 5.55 -3.18 -0.14
N MET A 260 4.34 -3.54 -0.56
CA MET A 260 4.14 -4.63 -1.51
C MET A 260 3.58 -4.08 -2.82
N GLU A 261 4.23 -4.43 -3.93
CA GLU A 261 3.78 -4.05 -5.26
C GLU A 261 3.08 -5.25 -5.88
N LEU A 262 1.76 -5.14 -6.03
CA LEU A 262 0.92 -6.22 -6.51
C LEU A 262 1.05 -6.38 -8.03
N PRO A 263 0.62 -7.52 -8.58
CA PRO A 263 0.81 -7.76 -10.02
C PRO A 263 0.09 -6.74 -10.89
N GLY A 264 0.70 -6.42 -12.02
CA GLY A 264 0.12 -5.50 -12.97
C GLY A 264 -0.68 -6.19 -14.06
N GLY A 265 -1.48 -5.41 -14.76
CA GLY A 265 -2.28 -5.93 -15.86
C GLY A 265 -2.85 -4.79 -16.67
N GLY A 266 -3.38 -5.16 -17.84
CA GLY A 266 -3.96 -4.18 -18.75
C GLY A 266 -2.90 -3.44 -19.53
N ASN A 267 -3.37 -2.46 -20.30
CA ASN A 267 -2.47 -1.67 -21.15
C ASN A 267 -1.65 -0.66 -20.36
N GLY A 268 -2.07 -0.30 -19.16
CA GLY A 268 -1.37 0.70 -18.37
C GLY A 268 -0.72 0.14 -17.11
N GLY A 269 -0.84 -1.17 -16.90
CA GLY A 269 -0.26 -1.80 -15.73
C GLY A 269 -1.12 -1.66 -14.49
N PHE A 270 -1.64 -0.45 -14.26
CA PHE A 270 -2.50 -0.20 -13.11
C PHE A 270 -3.93 -0.67 -13.33
N ASN A 271 -4.29 -1.13 -14.52
CA ASN A 271 -5.69 -1.39 -14.87
C ASN A 271 -5.85 -2.80 -15.43
N PRO A 272 -5.73 -3.83 -14.59
CA PRO A 272 -6.16 -5.16 -15.01
C PRO A 272 -7.65 -5.18 -15.24
N PRO A 273 -8.14 -5.97 -16.19
CA PRO A 273 -9.59 -6.06 -16.41
C PRO A 273 -10.28 -6.67 -15.22
N PRO A 274 -11.57 -6.39 -15.02
CA PRO A 274 -12.27 -6.96 -13.85
C PRO A 274 -12.23 -8.47 -13.79
N SER A 275 -12.12 -9.15 -14.94
CA SER A 275 -12.03 -10.61 -14.96
C SER A 275 -10.75 -11.12 -14.31
N SER A 276 -9.70 -10.30 -14.25
CA SER A 276 -8.42 -10.71 -13.70
C SER A 276 -8.31 -10.47 -12.20
N ILE A 277 -9.33 -9.86 -11.59
CA ILE A 277 -9.23 -9.48 -10.17
C ILE A 277 -9.09 -10.72 -9.29
N GLU A 278 -9.91 -11.74 -9.55
CA GLU A 278 -9.98 -12.89 -8.65
C GLU A 278 -8.63 -13.60 -8.56
N LYS A 279 -7.98 -13.84 -9.70
CA LYS A 279 -6.70 -14.53 -9.68
C LYS A 279 -5.64 -13.70 -8.95
N ILE A 280 -5.63 -12.39 -9.19
CA ILE A 280 -4.57 -11.55 -8.61
C ILE A 280 -4.71 -11.45 -7.10
N VAL A 281 -5.93 -11.21 -6.61
CA VAL A 281 -6.14 -11.09 -5.17
C VAL A 281 -5.91 -12.43 -4.47
N ASN A 282 -6.30 -13.53 -5.12
CA ASN A 282 -6.07 -14.84 -4.53
C ASN A 282 -4.58 -15.12 -4.37
N GLU A 283 -3.79 -14.82 -5.40
CA GLU A 283 -2.34 -15.01 -5.31
C GLU A 283 -1.73 -14.06 -4.29
N SER A 284 -2.18 -12.80 -4.29
CA SER A 284 -1.62 -11.82 -3.36
C SER A 284 -1.93 -12.17 -1.92
N TRP A 285 -3.14 -12.68 -1.65
CA TRP A 285 -3.51 -13.05 -0.29
C TRP A 285 -2.66 -14.21 0.23
N VAL A 286 -2.22 -15.10 -0.66
CA VAL A 286 -1.35 -16.20 -0.25
C VAL A 286 -0.06 -15.66 0.33
N GLY A 287 0.54 -14.68 -0.36
CA GLY A 287 1.75 -14.06 0.17
C GLY A 287 1.50 -13.26 1.43
N ILE A 288 0.41 -12.49 1.46
CA ILE A 288 0.12 -11.64 2.60
C ILE A 288 -0.12 -12.48 3.85
N LYS A 289 -0.89 -13.55 3.72
CA LYS A 289 -1.14 -14.43 4.86
C LYS A 289 0.15 -15.07 5.36
N ALA A 290 1.04 -15.45 4.43
CA ALA A 290 2.31 -16.07 4.82
C ALA A 290 3.17 -15.12 5.63
N MET A 291 3.26 -13.86 5.21
CA MET A 291 4.04 -12.88 5.98
C MET A 291 3.44 -12.68 7.37
N ALA A 292 2.11 -12.57 7.45
CA ALA A 292 1.46 -12.42 8.75
C ALA A 292 1.69 -13.64 9.62
N LEU A 293 1.63 -14.84 9.04
CA LEU A 293 1.91 -16.05 9.79
C LEU A 293 3.37 -16.06 10.28
N LYS A 294 4.29 -15.61 9.43
CA LYS A 294 5.68 -15.51 9.85
C LYS A 294 5.83 -14.51 11.00
N VAL A 295 5.06 -13.42 10.98
CA VAL A 295 5.08 -12.48 12.07
C VAL A 295 4.53 -13.10 13.34
N ALA A 296 3.41 -13.84 13.23
CA ALA A 296 2.82 -14.47 14.39
C ALA A 296 3.75 -15.51 15.01
N GLN A 297 4.52 -16.21 14.18
CA GLN A 297 5.42 -17.25 14.67
C GLN A 297 6.62 -16.69 15.41
N MET A 298 6.84 -15.38 15.38
CA MET A 298 7.93 -14.77 16.13
C MET A 298 7.69 -14.79 17.64
N PHE A 299 6.47 -15.08 18.08
CA PHE A 299 6.14 -15.01 19.51
C PHE A 299 5.72 -16.37 20.05
N ALA B 2 0.77 5.00 -25.13
CA ALA B 2 0.82 6.36 -25.65
C ALA B 2 2.11 7.06 -25.21
N ASP B 3 2.91 6.37 -24.42
CA ASP B 3 4.18 6.90 -23.92
C ASP B 3 5.33 6.08 -24.48
N PRO B 4 6.04 6.57 -25.50
CA PRO B 4 7.13 5.78 -26.09
C PRO B 4 8.29 5.52 -25.14
N ILE B 5 8.45 6.34 -24.10
CA ILE B 5 9.54 6.16 -23.15
C ILE B 5 9.32 4.97 -22.23
N CYS B 6 8.10 4.44 -22.16
CA CYS B 6 7.83 3.28 -21.33
C CYS B 6 8.63 2.08 -21.83
N ASN B 7 9.24 1.36 -20.89
CA ASN B 7 10.10 0.20 -21.13
C ASN B 7 11.41 0.56 -21.83
N LYS B 8 11.75 1.84 -21.89
CA LYS B 8 13.06 2.22 -22.44
C LYS B 8 14.15 1.87 -21.45
N PRO B 9 15.22 1.21 -21.88
CA PRO B 9 16.32 0.89 -20.95
C PRO B 9 16.91 2.16 -20.34
N CYS B 10 17.28 2.06 -19.07
CA CYS B 10 17.74 3.24 -18.34
C CYS B 10 18.70 2.82 -17.24
N LYS B 11 19.61 3.73 -16.90
CA LYS B 11 20.49 3.61 -15.74
C LYS B 11 20.12 4.57 -14.63
N THR B 12 19.68 5.77 -14.97
CA THR B 12 19.23 6.77 -14.00
C THR B 12 17.91 7.35 -14.47
N HIS B 13 17.32 8.21 -13.63
CA HIS B 13 16.04 8.81 -13.96
C HIS B 13 16.14 9.76 -15.16
N ASP B 14 17.33 10.31 -15.41
CA ASP B 14 17.48 11.23 -16.54
C ASP B 14 17.26 10.54 -17.88
N ASP B 15 17.52 9.23 -17.94
CA ASP B 15 17.26 8.48 -19.17
C ASP B 15 15.77 8.39 -19.49
N CYS B 16 14.91 8.65 -18.51
CA CYS B 16 13.47 8.65 -18.71
C CYS B 16 12.89 10.06 -18.84
N SER B 17 13.74 11.05 -19.11
CA SER B 17 13.27 12.42 -19.24
C SER B 17 12.33 12.58 -20.43
N GLY B 18 11.35 13.47 -20.27
CA GLY B 18 10.35 13.68 -21.30
C GLY B 18 9.44 12.48 -21.52
N ALA B 19 8.96 11.86 -20.44
CA ALA B 19 8.13 10.68 -20.53
C ALA B 19 6.68 10.92 -20.15
N TRP B 20 6.43 11.72 -19.12
CA TRP B 20 5.12 12.17 -18.63
C TRP B 20 4.29 11.04 -18.03
N PHE B 21 4.64 9.78 -18.32
CA PHE B 21 3.98 8.67 -17.64
C PHE B 21 5.00 7.75 -17.01
N CYS B 22 5.99 7.32 -17.80
CA CYS B 22 7.04 6.42 -17.33
C CYS B 22 8.31 7.21 -17.00
N GLN B 23 8.18 8.08 -16.00
CA GLN B 23 9.25 8.99 -15.63
C GLN B 23 10.27 8.37 -14.69
N ALA B 24 9.99 7.18 -14.15
CA ALA B 24 10.85 6.56 -13.14
C ALA B 24 11.67 5.44 -13.77
N CYS B 25 12.96 5.41 -13.45
CA CYS B 25 13.83 4.32 -13.86
C CYS B 25 13.82 3.27 -12.77
N TRP B 26 13.19 2.12 -13.05
CA TRP B 26 13.14 1.05 -12.08
C TRP B 26 14.50 0.38 -11.96
N ASN B 27 15.00 0.25 -10.73
CA ASN B 27 16.37 -0.19 -10.52
C ASN B 27 16.56 -1.65 -10.95
N SER B 28 15.68 -2.55 -10.48
CA SER B 28 15.85 -3.95 -10.80
C SER B 28 15.52 -4.24 -12.26
N ALA B 29 14.45 -3.64 -12.78
CA ALA B 29 14.06 -3.86 -14.17
C ALA B 29 14.98 -3.15 -15.17
N ARG B 30 15.63 -2.07 -14.75
CA ARG B 30 16.52 -1.29 -15.61
C ARG B 30 15.78 -0.70 -16.81
N THR B 31 14.48 -0.41 -16.64
CA THR B 31 13.68 0.16 -17.70
C THR B 31 12.81 1.27 -17.13
N CYS B 32 12.41 2.20 -18.00
CA CYS B 32 11.56 3.31 -17.57
C CYS B 32 10.14 2.82 -17.32
N GLY B 33 9.60 3.19 -16.16
CA GLY B 33 8.25 2.84 -15.81
C GLY B 33 7.58 3.93 -15.00
N PRO B 34 6.28 3.81 -14.79
CA PRO B 34 5.57 4.83 -14.01
C PRO B 34 5.88 4.72 -12.53
N TYR B 35 5.58 5.79 -11.81
CA TYR B 35 5.64 5.74 -10.36
C TYR B 35 4.52 4.85 -9.83
N VAL B 36 4.87 3.91 -8.96
CA VAL B 36 3.92 2.91 -8.51
C VAL B 36 3.65 3.04 -7.01
#